data_5DXX
#
_entry.id   5DXX
#
_cell.length_a   52.580
_cell.length_b   80.970
_cell.length_c   86.160
_cell.angle_alpha   90.000
_cell.angle_beta   90.000
_cell.angle_gamma   90.000
#
_symmetry.space_group_name_H-M   'P 21 21 21'
#
loop_
_entity.id
_entity.type
_entity.pdbx_description
1 polymer 'Artemisinic aldehyde Delta(11(13)) reductase'
2 non-polymer 'FLAVIN MONONUCLEOTIDE'
3 water water
#
_entity_poly.entity_id   1
_entity_poly.type   'polypeptide(L)'
_entity_poly.pdbx_seq_one_letter_code
;MSEKPTLFSAYKMGKFNLSHRVVLAPMTRCRAINAIPNEALVEYYRQRSTAGGFLITEGTMISPSSAGFPHVPGIFTKEQ
VEGWKKVVDAAHKEGAVIFCQLWHVGRASHQVYQPGGAAPISSTSKPISKKWEILLPDATYGTYPEPRPLAANEILEVVE
DYRVAAINAIEAGFDGIEIHGAHGYLLDQFMKDGINDRTDEYGGSLENRCKFILQVVQAVSAAIGTDRVGIRISPAIDHT
DAMDSDPRSLGLAVIERLNKLQFKLGSRLAYLHVTQPRYTADGHGQTEAGANGSEEEVAQLMKTWRGAYVGTFICCGGYT
RELGLQAVAQGDADLVAFGRYFVSNPDLVLRLKLNAPLNRYDRATFYTHDPVVGYTDYPSLDKGSLL
;
_entity_poly.pdbx_strand_id   A
#
# COMPACT_ATOMS: atom_id res chain seq x y z
N LYS A 4 -5.33 -28.78 -2.21
CA LYS A 4 -4.61 -27.78 -1.43
C LYS A 4 -4.28 -26.56 -2.29
N PRO A 5 -4.36 -25.36 -1.70
CA PRO A 5 -4.09 -24.13 -2.46
C PRO A 5 -2.64 -24.01 -2.91
N THR A 6 -2.45 -23.49 -4.12
CA THR A 6 -1.15 -23.09 -4.61
C THR A 6 -1.22 -21.62 -5.03
N LEU A 7 -0.06 -21.06 -5.33
CA LEU A 7 0.05 -19.69 -5.80
C LEU A 7 -0.84 -19.39 -7.03
N PHE A 8 -1.18 -20.44 -7.79
CA PHE A 8 -1.97 -20.24 -9.01
C PHE A 8 -3.39 -20.78 -8.89
N SER A 9 -3.84 -21.02 -7.66
CA SER A 9 -5.21 -21.47 -7.37
C SER A 9 -6.18 -20.31 -7.23
N ALA A 10 -7.44 -20.58 -7.55
CA ALA A 10 -8.50 -19.60 -7.34
C ALA A 10 -8.66 -19.28 -5.86
N TYR A 11 -9.26 -18.13 -5.57
CA TYR A 11 -9.47 -17.70 -4.18
C TYR A 11 -10.68 -16.79 -4.10
N LYS A 12 -11.49 -16.99 -3.07
CA LYS A 12 -12.59 -16.08 -2.79
C LYS A 12 -12.15 -15.06 -1.74
N MET A 13 -11.93 -13.83 -2.18
CA MET A 13 -11.57 -12.75 -1.28
C MET A 13 -12.86 -12.04 -0.89
N GLY A 14 -13.62 -12.69 -0.02
CA GLY A 14 -14.94 -12.22 0.35
C GLY A 14 -15.83 -12.04 -0.88
N LYS A 15 -16.08 -10.78 -1.21
CA LYS A 15 -16.92 -10.37 -2.33
C LYS A 15 -16.36 -10.75 -3.70
N PHE A 16 -15.04 -10.91 -3.78
CA PHE A 16 -14.35 -11.01 -5.06
C PHE A 16 -13.81 -12.41 -5.34
N ASN A 17 -13.99 -12.87 -6.58
CA ASN A 17 -13.39 -14.12 -7.00
C ASN A 17 -12.08 -13.86 -7.75
N LEU A 18 -10.99 -14.42 -7.24
CA LEU A 18 -9.70 -14.31 -7.89
C LEU A 18 -9.35 -15.65 -8.53
N SER A 19 -8.55 -15.61 -9.59
CA SER A 19 -8.20 -16.85 -10.30
CA SER A 19 -8.19 -16.84 -10.30
C SER A 19 -6.80 -17.35 -9.95
N HIS A 20 -6.03 -16.53 -9.24
CA HIS A 20 -4.69 -16.88 -8.79
C HIS A 20 -4.33 -15.94 -7.64
N ARG A 21 -3.20 -16.21 -6.99
CA ARG A 21 -2.84 -15.50 -5.76
C ARG A 21 -1.75 -14.46 -5.93
N VAL A 22 -1.39 -14.13 -7.18
CA VAL A 22 -0.32 -13.18 -7.45
C VAL A 22 -0.89 -11.77 -7.50
N VAL A 23 -0.38 -10.88 -6.64
CA VAL A 23 -0.94 -9.55 -6.50
C VAL A 23 0.05 -8.47 -6.93
N LEU A 24 -0.43 -7.43 -7.60
CA LEU A 24 0.39 -6.26 -7.86
C LEU A 24 0.48 -5.43 -6.58
N ALA A 25 1.69 -5.34 -6.01
CA ALA A 25 1.90 -4.52 -4.82
C ALA A 25 1.76 -3.05 -5.16
N PRO A 26 1.26 -2.25 -4.20
CA PRO A 26 1.18 -0.80 -4.40
C PRO A 26 2.56 -0.19 -4.55
N MET A 27 2.76 0.61 -5.60
CA MET A 27 4.06 1.22 -5.85
C MET A 27 3.94 2.61 -6.44
N THR A 28 4.52 3.57 -5.73
CA THR A 28 4.66 4.94 -6.19
C THR A 28 5.55 5.00 -7.42
N ARG A 29 5.06 5.63 -8.48
CA ARG A 29 5.83 5.72 -9.73
C ARG A 29 5.91 7.13 -10.32
N CYS A 30 5.08 8.05 -9.85
CA CYS A 30 5.23 9.47 -10.18
C CYS A 30 4.98 9.78 -11.66
N ARG A 31 4.02 9.08 -12.29
CA ARG A 31 3.69 9.39 -13.68
C ARG A 31 2.34 10.13 -13.79
N ALA A 32 1.67 10.36 -12.67
CA ALA A 32 0.37 11.05 -12.70
C ALA A 32 0.59 12.56 -12.63
N ILE A 33 0.95 13.14 -13.77
CA ILE A 33 1.39 14.54 -13.81
C ILE A 33 0.33 15.46 -13.23
N ASN A 34 0.73 16.29 -12.26
CA ASN A 34 -0.16 17.21 -11.56
C ASN A 34 -1.33 16.51 -10.86
N ALA A 35 -1.08 15.26 -10.45
CA ALA A 35 -1.97 14.43 -9.63
C ALA A 35 -3.17 13.86 -10.40
N ILE A 36 -3.17 13.98 -11.72
CA ILE A 36 -4.28 13.48 -12.51
C ILE A 36 -3.93 12.15 -13.18
N PRO A 37 -4.64 11.07 -12.84
CA PRO A 37 -4.41 9.81 -13.55
C PRO A 37 -4.63 10.02 -15.06
N ASN A 38 -3.79 9.40 -15.88
CA ASN A 38 -3.73 9.72 -17.30
C ASN A 38 -3.55 8.47 -18.14
N GLU A 39 -3.26 8.66 -19.42
CA GLU A 39 -3.14 7.54 -20.36
C GLU A 39 -1.97 6.61 -20.01
N ALA A 40 -0.92 7.19 -19.42
CA ALA A 40 0.20 6.36 -18.99
C ALA A 40 -0.24 5.37 -17.90
N LEU A 41 -0.98 5.85 -16.91
CA LEU A 41 -1.46 4.96 -15.86
C LEU A 41 -2.43 3.92 -16.42
N VAL A 42 -3.29 4.32 -17.36
CA VAL A 42 -4.20 3.34 -17.96
C VAL A 42 -3.41 2.16 -18.54
N GLU A 43 -2.40 2.46 -19.33
CA GLU A 43 -1.64 1.41 -19.99
C GLU A 43 -0.82 0.60 -18.97
N TYR A 44 -0.26 1.28 -17.97
CA TYR A 44 0.52 0.59 -16.95
C TYR A 44 -0.28 -0.49 -16.24
N TYR A 45 -1.47 -0.13 -15.76
CA TYR A 45 -2.29 -1.12 -15.06
C TYR A 45 -2.89 -2.13 -16.03
N ARG A 46 -3.26 -1.70 -17.24
CA ARG A 46 -3.80 -2.62 -18.24
C ARG A 46 -2.79 -3.71 -18.58
N GLN A 47 -1.53 -3.32 -18.79
CA GLN A 47 -0.45 -4.27 -19.11
C GLN A 47 -0.30 -5.35 -18.05
N ARG A 48 -0.57 -4.99 -16.80
CA ARG A 48 -0.34 -5.87 -15.67
C ARG A 48 -1.59 -6.64 -15.24
N SER A 49 -2.71 -6.33 -15.87
CA SER A 49 -3.98 -6.96 -15.57
C SER A 49 -4.08 -8.40 -16.09
N THR A 50 -4.70 -9.26 -15.30
CA THR A 50 -5.03 -10.62 -15.73
C THR A 50 -6.46 -10.93 -15.31
N ALA A 51 -7.07 -11.92 -15.95
CA ALA A 51 -8.41 -12.34 -15.58
C ALA A 51 -8.41 -12.91 -14.17
N GLY A 52 -9.15 -12.27 -13.28
CA GLY A 52 -9.18 -12.69 -11.90
C GLY A 52 -7.93 -12.39 -11.10
N GLY A 53 -7.08 -11.47 -11.60
CA GLY A 53 -5.91 -11.05 -10.87
C GLY A 53 -6.16 -9.80 -10.07
N PHE A 54 -5.62 -9.75 -8.86
CA PHE A 54 -5.83 -8.59 -7.97
C PHE A 54 -4.71 -7.56 -8.13
N LEU A 55 -5.11 -6.29 -8.29
CA LEU A 55 -4.20 -5.16 -8.43
C LEU A 55 -4.41 -4.16 -7.32
N ILE A 56 -3.33 -3.66 -6.73
CA ILE A 56 -3.43 -2.55 -5.78
C ILE A 56 -2.69 -1.37 -6.39
N THR A 57 -3.33 -0.20 -6.47
CA THR A 57 -2.67 0.95 -7.07
C THR A 57 -1.56 1.52 -6.22
N GLU A 58 -0.70 2.29 -6.89
CA GLU A 58 0.16 3.27 -6.23
C GLU A 58 -0.59 4.06 -5.15
N GLY A 59 0.12 4.50 -4.13
CA GLY A 59 -0.46 5.36 -3.12
C GLY A 59 -1.10 6.58 -3.77
N THR A 60 -2.31 6.90 -3.32
CA THR A 60 -3.11 7.95 -3.93
C THR A 60 -3.51 8.97 -2.85
N MET A 61 -3.25 10.24 -3.11
CA MET A 61 -3.48 11.27 -2.11
CA MET A 61 -3.50 11.33 -2.16
C MET A 61 -4.95 11.41 -1.72
N ILE A 62 -5.18 11.59 -0.42
CA ILE A 62 -6.53 11.82 0.08
C ILE A 62 -6.81 13.31 0.28
N SER A 63 -5.79 14.16 0.14
CA SER A 63 -5.88 15.59 0.43
C SER A 63 -4.65 16.31 -0.07
N PRO A 64 -4.70 17.64 -0.20
CA PRO A 64 -3.48 18.34 -0.63
C PRO A 64 -2.27 18.12 0.32
N SER A 65 -2.50 17.96 1.62
CA SER A 65 -1.38 17.80 2.54
C SER A 65 -0.81 16.37 2.53
N SER A 66 -1.47 15.48 1.77
CA SER A 66 -1.06 14.09 1.63
C SER A 66 0.24 13.87 0.87
N ALA A 67 0.67 14.88 0.13
CA ALA A 67 1.75 14.77 -0.86
C ALA A 67 3.15 14.72 -0.27
N GLY A 68 3.94 13.75 -0.72
CA GLY A 68 5.36 13.70 -0.37
C GLY A 68 6.28 13.25 -1.48
N PHE A 69 5.73 13.15 -2.69
CA PHE A 69 6.44 12.77 -3.93
C PHE A 69 5.86 13.63 -5.05
N PRO A 70 6.61 13.79 -6.15
CA PRO A 70 6.06 14.55 -7.29
C PRO A 70 5.16 13.69 -8.16
N HIS A 71 4.12 14.33 -8.71
CA HIS A 71 3.27 13.72 -9.74
C HIS A 71 2.71 12.37 -9.29
N VAL A 72 2.23 12.33 -8.06
CA VAL A 72 1.48 11.19 -7.56
C VAL A 72 0.01 11.54 -7.66
N PRO A 73 -0.83 10.54 -7.94
CA PRO A 73 -2.25 10.84 -8.17
C PRO A 73 -2.98 11.15 -6.88
N GLY A 74 -4.06 11.92 -7.02
CA GLY A 74 -5.00 12.07 -5.92
C GLY A 74 -6.35 11.44 -6.23
N ILE A 75 -7.23 11.43 -5.24
CA ILE A 75 -8.61 11.03 -5.51
C ILE A 75 -9.55 11.89 -4.66
N PHE A 76 -9.17 13.16 -4.48
CA PHE A 76 -9.99 14.09 -3.75
C PHE A 76 -10.65 15.18 -4.61
N THR A 77 -10.42 15.15 -5.92
CA THR A 77 -11.16 16.05 -6.83
C THR A 77 -11.91 15.28 -7.91
N LYS A 78 -12.93 15.92 -8.49
CA LYS A 78 -13.70 15.31 -9.56
C LYS A 78 -12.82 14.99 -10.78
N GLU A 79 -11.92 15.91 -11.11
CA GLU A 79 -11.00 15.71 -12.21
C GLU A 79 -10.15 14.45 -12.02
N GLN A 80 -9.69 14.24 -10.79
CA GLN A 80 -8.92 13.04 -10.46
C GLN A 80 -9.79 11.79 -10.60
N VAL A 81 -11.02 11.85 -10.09
CA VAL A 81 -11.93 10.72 -10.19
C VAL A 81 -12.16 10.34 -11.65
N GLU A 82 -12.34 11.34 -12.52
CA GLU A 82 -12.58 11.07 -13.93
C GLU A 82 -11.36 10.41 -14.59
N GLY A 83 -10.16 10.81 -14.18
CA GLY A 83 -8.96 10.15 -14.66
C GLY A 83 -8.89 8.69 -14.22
N TRP A 84 -9.23 8.45 -12.96
CA TRP A 84 -9.19 7.09 -12.44
C TRP A 84 -10.22 6.18 -13.12
N LYS A 85 -11.38 6.73 -13.49
CA LYS A 85 -12.40 5.91 -14.17
C LYS A 85 -11.81 5.21 -15.39
N LYS A 86 -10.97 5.91 -16.14
CA LYS A 86 -10.41 5.35 -17.36
C LYS A 86 -9.44 4.21 -17.03
N VAL A 87 -8.69 4.36 -15.95
CA VAL A 87 -7.77 3.31 -15.51
C VAL A 87 -8.55 2.08 -15.08
N VAL A 88 -9.57 2.31 -14.25
CA VAL A 88 -10.34 1.23 -13.68
C VAL A 88 -11.10 0.48 -14.77
N ASP A 89 -11.70 1.22 -15.71
CA ASP A 89 -12.43 0.58 -16.80
C ASP A 89 -11.53 -0.35 -17.60
N ALA A 90 -10.30 0.10 -17.88
CA ALA A 90 -9.38 -0.73 -18.66
C ALA A 90 -8.99 -2.00 -17.90
N ALA A 91 -8.74 -1.87 -16.61
CA ALA A 91 -8.37 -3.03 -15.81
C ALA A 91 -9.54 -4.02 -15.75
N HIS A 92 -10.75 -3.49 -15.60
CA HIS A 92 -11.93 -4.34 -15.53
C HIS A 92 -12.20 -5.06 -16.85
N LYS A 93 -11.87 -4.41 -17.96
CA LYS A 93 -12.04 -5.02 -19.27
C LYS A 93 -11.16 -6.26 -19.41
N GLU A 94 -10.04 -6.28 -18.70
CA GLU A 94 -9.15 -7.44 -18.68
C GLU A 94 -9.53 -8.47 -17.63
N GLY A 95 -10.54 -8.17 -16.82
CA GLY A 95 -10.99 -9.09 -15.79
C GLY A 95 -10.31 -8.93 -14.45
N ALA A 96 -9.53 -7.86 -14.28
CA ALA A 96 -8.84 -7.60 -13.02
C ALA A 96 -9.79 -7.14 -11.93
N VAL A 97 -9.38 -7.35 -10.69
CA VAL A 97 -9.99 -6.71 -9.52
C VAL A 97 -8.99 -5.67 -9.05
N ILE A 98 -9.44 -4.45 -8.77
CA ILE A 98 -8.48 -3.37 -8.47
C ILE A 98 -8.91 -2.51 -7.29
N PHE A 99 -7.99 -2.36 -6.33
CA PHE A 99 -8.20 -1.51 -5.15
C PHE A 99 -7.32 -0.27 -5.26
N CYS A 100 -7.83 0.86 -4.77
CA CYS A 100 -7.05 2.09 -4.71
C CYS A 100 -6.41 2.26 -3.34
N GLN A 101 -5.08 2.39 -3.30
CA GLN A 101 -4.41 2.61 -2.01
C GLN A 101 -4.50 4.07 -1.60
N LEU A 102 -5.12 4.34 -0.45
CA LEU A 102 -5.28 5.69 0.10
C LEU A 102 -4.09 6.05 0.98
N TRP A 103 -3.42 7.15 0.62
CA TRP A 103 -2.09 7.46 1.14
C TRP A 103 -1.99 8.86 1.71
N HIS A 104 -1.57 8.97 2.96
CA HIS A 104 -1.15 10.25 3.53
C HIS A 104 0.25 10.08 4.12
N VAL A 105 1.19 10.90 3.67
CA VAL A 105 2.59 10.74 4.07
C VAL A 105 2.94 11.33 5.45
N GLY A 106 2.07 12.16 5.99
CA GLY A 106 2.39 12.83 7.25
C GLY A 106 3.71 13.60 7.19
N ARG A 107 4.60 13.34 8.14
CA ARG A 107 5.84 14.11 8.23
C ARG A 107 6.84 13.79 7.13
N ALA A 108 6.59 12.75 6.35
CA ALA A 108 7.51 12.39 5.26
C ALA A 108 7.20 13.24 4.04
N SER A 109 7.47 14.52 4.16
CA SER A 109 7.13 15.47 3.12
C SER A 109 8.10 16.66 3.22
N HIS A 110 7.76 17.73 2.52
CA HIS A 110 8.61 18.91 2.45
C HIS A 110 7.69 20.07 2.11
N GLN A 111 8.07 21.28 2.48
CA GLN A 111 7.25 22.45 2.23
C GLN A 111 6.88 22.61 0.76
N VAL A 112 7.77 22.17 -0.14
CA VAL A 112 7.53 22.33 -1.57
C VAL A 112 6.33 21.48 -2.04
N TYR A 113 5.96 20.47 -1.25
CA TYR A 113 4.81 19.62 -1.56
C TYR A 113 3.52 20.07 -0.88
N GLN A 114 3.63 21.00 0.06
CA GLN A 114 2.50 21.37 0.90
C GLN A 114 1.80 22.63 0.42
N PRO A 115 0.46 22.67 0.55
CA PRO A 115 -0.27 23.88 0.20
C PRO A 115 0.24 25.07 0.99
N GLY A 116 0.52 26.18 0.30
CA GLY A 116 1.01 27.38 0.94
C GLY A 116 2.37 27.24 1.60
N GLY A 117 3.07 26.14 1.30
CA GLY A 117 4.36 25.88 1.90
C GLY A 117 4.28 25.60 3.39
N ALA A 118 3.12 25.12 3.84
CA ALA A 118 2.90 24.80 5.24
C ALA A 118 3.77 23.63 5.69
N ALA A 119 4.02 23.54 6.98
CA ALA A 119 4.71 22.37 7.51
C ALA A 119 3.87 21.12 7.32
N PRO A 120 4.51 19.99 7.00
CA PRO A 120 3.82 18.70 6.97
C PRO A 120 3.21 18.40 8.33
N ILE A 121 2.16 17.58 8.36
CA ILE A 121 1.49 17.27 9.63
C ILE A 121 1.84 15.87 10.12
N SER A 122 1.75 15.66 11.43
CA SER A 122 2.18 14.41 12.03
C SER A 122 1.57 14.22 13.41
N SER A 123 1.99 13.14 14.08
CA SER A 123 1.66 12.92 15.48
C SER A 123 2.50 13.80 16.40
N THR A 124 3.66 14.19 15.88
CA THR A 124 4.79 14.69 16.65
C THR A 124 5.34 15.95 16.02
N SER A 125 6.19 16.67 16.74
CA SER A 125 6.93 17.79 16.14
C SER A 125 8.33 17.34 15.71
N LYS A 126 8.64 16.07 15.94
CA LYS A 126 9.96 15.53 15.62
C LYS A 126 10.10 15.21 14.13
N PRO A 127 11.13 15.76 13.48
CA PRO A 127 11.37 15.43 12.08
C PRO A 127 12.04 14.07 11.90
N ILE A 128 11.86 13.49 10.71
CA ILE A 128 12.73 12.41 10.27
C ILE A 128 14.18 12.92 10.34
N SER A 129 15.10 12.09 10.81
CA SER A 129 16.48 12.55 10.97
C SER A 129 17.19 12.73 9.63
N LYS A 130 18.37 13.35 9.66
CA LYS A 130 19.10 13.64 8.44
C LYS A 130 19.75 12.40 7.83
N LYS A 131 19.57 11.25 8.49
CA LYS A 131 19.98 9.97 7.91
C LYS A 131 19.20 9.71 6.62
N TRP A 132 18.01 10.30 6.52
CA TRP A 132 17.14 10.08 5.37
C TRP A 132 16.92 11.38 4.61
N GLU A 133 16.75 11.29 3.30
CA GLU A 133 16.48 12.49 2.50
C GLU A 133 15.27 12.26 1.60
N ILE A 134 14.70 13.37 1.13
CA ILE A 134 13.47 13.30 0.36
C ILE A 134 13.71 13.76 -1.08
N LEU A 135 13.19 12.99 -2.03
CA LEU A 135 13.24 13.41 -3.42
C LEU A 135 12.36 14.64 -3.63
N LEU A 136 12.94 15.69 -4.23
CA LEU A 136 12.25 16.94 -4.48
C LEU A 136 11.79 17.01 -5.94
N PRO A 137 10.88 17.94 -6.27
CA PRO A 137 10.37 17.97 -7.64
C PRO A 137 11.39 18.37 -8.71
N ASP A 138 12.54 18.88 -8.31
CA ASP A 138 13.55 19.27 -9.29
C ASP A 138 14.67 18.23 -9.44
N ALA A 139 14.38 16.99 -9.05
CA ALA A 139 15.31 15.87 -9.18
C ALA A 139 16.58 16.05 -8.36
N THR A 140 16.43 16.72 -7.22
CA THR A 140 17.47 16.76 -6.20
C THR A 140 16.89 16.17 -4.92
N TYR A 141 17.75 15.95 -3.93
CA TYR A 141 17.31 15.41 -2.65
C TYR A 141 17.45 16.47 -1.58
N GLY A 142 16.41 16.60 -0.75
CA GLY A 142 16.34 17.61 0.28
C GLY A 142 16.18 17.06 1.68
N THR A 143 16.03 17.98 2.63
CA THR A 143 15.95 17.67 4.05
C THR A 143 14.49 17.62 4.53
N TYR A 144 14.13 16.56 5.24
CA TYR A 144 12.81 16.51 5.88
C TYR A 144 12.71 17.58 6.97
N PRO A 145 11.66 18.42 6.91
CA PRO A 145 11.49 19.49 7.90
C PRO A 145 10.76 19.05 9.17
N GLU A 146 10.77 19.93 10.17
CA GLU A 146 9.97 19.74 11.37
C GLU A 146 8.49 19.72 11.02
N PRO A 147 7.78 18.63 11.41
CA PRO A 147 6.35 18.60 11.15
C PRO A 147 5.57 19.30 12.25
N ARG A 148 4.28 19.54 12.00
CA ARG A 148 3.39 20.11 12.99
C ARG A 148 2.50 19.02 13.56
N PRO A 149 2.46 18.90 14.90
CA PRO A 149 1.61 17.88 15.53
C PRO A 149 0.12 18.21 15.45
N LEU A 150 -0.67 17.27 14.96
CA LEU A 150 -2.11 17.48 14.81
C LEU A 150 -2.82 17.58 16.14
N ALA A 151 -3.78 18.50 16.21
CA ALA A 151 -4.73 18.53 17.31
C ALA A 151 -5.79 17.46 17.09
N ALA A 152 -6.51 17.10 18.14
CA ALA A 152 -7.50 16.02 18.06
C ALA A 152 -8.56 16.29 16.98
N ASN A 153 -9.06 17.52 16.93
CA ASN A 153 -10.07 17.87 15.94
C ASN A 153 -9.52 17.76 14.52
N GLU A 154 -8.24 18.02 14.38
CA GLU A 154 -7.60 17.95 13.06
C GLU A 154 -7.37 16.51 12.63
N ILE A 155 -7.15 15.61 13.58
CA ILE A 155 -7.08 14.18 13.27
C ILE A 155 -8.43 13.71 12.70
N LEU A 156 -9.52 14.19 13.29
CA LEU A 156 -10.84 13.82 12.77
C LEU A 156 -11.07 14.37 11.37
N GLU A 157 -10.47 15.51 11.05
CA GLU A 157 -10.55 16.06 9.70
C GLU A 157 -9.85 15.11 8.71
N VAL A 158 -8.74 14.53 9.12
CA VAL A 158 -8.04 13.59 8.24
C VAL A 158 -8.86 12.30 8.09
N VAL A 159 -9.49 11.83 9.18
CA VAL A 159 -10.37 10.68 9.06
C VAL A 159 -11.46 10.94 8.02
N GLU A 160 -12.03 12.14 8.06
CA GLU A 160 -13.03 12.54 7.07
C GLU A 160 -12.44 12.54 5.65
N ASP A 161 -11.20 12.99 5.49
CA ASP A 161 -10.55 12.94 4.18
C ASP A 161 -10.46 11.49 3.66
N TYR A 162 -10.12 10.55 4.54
CA TYR A 162 -10.11 9.14 4.13
C TYR A 162 -11.50 8.67 3.70
N ARG A 163 -12.53 9.07 4.47
CA ARG A 163 -13.90 8.68 4.16
C ARG A 163 -14.32 9.16 2.78
N VAL A 164 -14.07 10.44 2.50
CA VAL A 164 -14.37 11.05 1.21
C VAL A 164 -13.60 10.37 0.07
N ALA A 165 -12.32 10.09 0.30
CA ALA A 165 -11.51 9.42 -0.72
C ALA A 165 -12.06 8.03 -1.03
N ALA A 166 -12.52 7.32 0.01
CA ALA A 166 -13.11 6.00 -0.19
C ALA A 166 -14.38 6.08 -1.05
N ILE A 167 -15.26 7.05 -0.74
CA ILE A 167 -16.45 7.27 -1.54
C ILE A 167 -16.08 7.59 -2.99
N ASN A 168 -15.07 8.45 -3.17
CA ASN A 168 -14.65 8.83 -4.51
C ASN A 168 -14.06 7.64 -5.27
N ALA A 169 -13.35 6.76 -4.57
CA ALA A 169 -12.82 5.55 -5.20
C ALA A 169 -13.94 4.69 -5.76
N ILE A 170 -15.02 4.52 -4.98
CA ILE A 170 -16.14 3.73 -5.46
C ILE A 170 -16.81 4.43 -6.64
N GLU A 171 -16.91 5.76 -6.60
CA GLU A 171 -17.45 6.49 -7.76
C GLU A 171 -16.61 6.26 -9.02
N ALA A 172 -15.29 6.16 -8.86
CA ALA A 172 -14.41 5.89 -10.00
C ALA A 172 -14.52 4.45 -10.50
N GLY A 173 -15.21 3.59 -9.74
CA GLY A 173 -15.41 2.21 -10.15
C GLY A 173 -14.48 1.21 -9.48
N PHE A 174 -13.60 1.67 -8.59
CA PHE A 174 -12.71 0.75 -7.88
C PHE A 174 -13.51 -0.32 -7.14
N ASP A 175 -12.96 -1.52 -7.07
CA ASP A 175 -13.59 -2.58 -6.30
C ASP A 175 -13.46 -2.36 -4.80
N GLY A 176 -12.47 -1.58 -4.39
CA GLY A 176 -12.26 -1.29 -2.99
C GLY A 176 -11.07 -0.38 -2.79
N ILE A 177 -10.69 -0.19 -1.53
CA ILE A 177 -9.55 0.64 -1.20
C ILE A 177 -8.65 -0.09 -0.21
N GLU A 178 -7.39 0.31 -0.19
CA GLU A 178 -6.44 -0.15 0.82
C GLU A 178 -5.96 1.03 1.63
N ILE A 179 -6.04 0.92 2.95
CA ILE A 179 -5.50 1.95 3.83
CA ILE A 179 -5.50 1.94 3.84
C ILE A 179 -3.99 1.77 3.97
N HIS A 180 -3.22 2.76 3.51
CA HIS A 180 -1.78 2.69 3.68
C HIS A 180 -1.39 3.06 5.10
N GLY A 181 -1.15 2.04 5.93
CA GLY A 181 -0.76 2.27 7.31
C GLY A 181 0.66 1.77 7.56
N ALA A 182 1.51 1.83 6.54
CA ALA A 182 2.85 1.27 6.63
C ALA A 182 3.95 2.31 6.36
N HIS A 183 5.20 1.86 6.47
CA HIS A 183 6.38 2.55 5.97
C HIS A 183 6.62 3.96 6.50
N GLY A 184 6.23 4.19 7.75
CA GLY A 184 6.57 5.44 8.40
C GLY A 184 5.75 6.63 7.95
N TYR A 185 4.64 6.39 7.27
CA TYR A 185 3.79 7.48 6.82
C TYR A 185 2.81 7.85 7.94
N LEU A 186 1.76 8.64 7.66
CA LEU A 186 1.01 9.31 8.74
C LEU A 186 0.47 8.36 9.82
N LEU A 187 -0.22 7.30 9.41
CA LEU A 187 -0.81 6.40 10.40
C LEU A 187 0.27 5.64 11.18
N ASP A 188 1.37 5.31 10.52
CA ASP A 188 2.50 4.66 11.18
C ASP A 188 3.19 5.61 12.17
N GLN A 189 3.12 6.91 11.90
CA GLN A 189 3.68 7.92 12.81
C GLN A 189 2.90 7.98 14.13
N PHE A 190 1.68 7.47 14.11
CA PHE A 190 0.88 7.36 15.33
C PHE A 190 1.06 5.99 15.98
N MET A 191 1.18 4.93 15.16
CA MET A 191 1.32 3.58 15.72
C MET A 191 2.67 3.31 16.39
N LYS A 192 3.75 3.77 15.78
CA LYS A 192 5.11 3.43 16.24
C LYS A 192 5.54 4.25 17.46
N ASP A 193 5.95 3.56 18.52
CA ASP A 193 6.32 4.29 19.74
C ASP A 193 7.69 4.99 19.61
N GLY A 194 8.41 4.74 18.52
CA GLY A 194 9.62 5.48 18.22
C GLY A 194 9.33 6.87 17.68
N ILE A 195 8.10 7.09 17.27
CA ILE A 195 7.69 8.38 16.72
C ILE A 195 6.68 9.09 17.61
N ASN A 196 5.65 8.35 18.01
CA ASN A 196 4.53 8.93 18.75
C ASN A 196 4.89 9.25 20.20
N ASP A 197 5.13 10.53 20.48
CA ASP A 197 5.45 10.98 21.84
C ASP A 197 4.32 11.82 22.45
N ARG A 198 3.09 11.59 21.98
CA ARG A 198 1.94 12.34 22.48
C ARG A 198 1.53 11.91 23.87
N THR A 199 0.94 12.84 24.62
CA THR A 199 0.47 12.59 25.96
C THR A 199 -1.06 12.67 26.06
N ASP A 200 -1.74 12.76 24.91
CA ASP A 200 -3.19 12.83 24.90
C ASP A 200 -3.79 11.47 24.53
N GLU A 201 -5.05 11.45 24.11
CA GLU A 201 -5.75 10.20 23.86
C GLU A 201 -5.23 9.46 22.62
N TYR A 202 -4.30 10.07 21.89
CA TYR A 202 -3.73 9.42 20.70
C TYR A 202 -2.29 8.96 20.94
N GLY A 203 -1.87 8.98 22.21
CA GLY A 203 -0.51 8.61 22.53
C GLY A 203 -0.45 7.75 23.80
N GLY A 204 0.69 7.10 24.00
CA GLY A 204 0.91 6.28 25.18
C GLY A 204 0.67 4.81 24.89
N SER A 205 -0.50 4.33 25.29
CA SER A 205 -0.83 2.92 25.19
C SER A 205 -0.97 2.45 23.75
N LEU A 206 -0.92 1.14 23.55
CA LEU A 206 -1.19 0.57 22.24
C LEU A 206 -2.59 0.92 21.78
N GLU A 207 -3.53 0.93 22.71
CA GLU A 207 -4.90 1.35 22.43
C GLU A 207 -4.92 2.76 21.84
N ASN A 208 -4.21 3.68 22.49
CA ASN A 208 -4.19 5.07 22.02
C ASN A 208 -3.43 5.23 20.71
N ARG A 209 -2.35 4.48 20.55
CA ARG A 209 -1.54 4.58 19.34
C ARG A 209 -2.24 3.98 18.12
N CYS A 210 -3.12 3.01 18.34
CA CYS A 210 -3.86 2.39 17.25
C CYS A 210 -5.19 3.09 16.97
N LYS A 211 -5.52 4.07 17.81
CA LYS A 211 -6.82 4.75 17.71
C LYS A 211 -7.07 5.36 16.33
N PHE A 212 -6.11 6.13 15.82
CA PHE A 212 -6.28 6.85 14.55
C PHE A 212 -6.52 5.85 13.41
N ILE A 213 -5.67 4.84 13.25
CA ILE A 213 -5.87 3.92 12.14
C ILE A 213 -7.19 3.14 12.30
N LEU A 214 -7.59 2.81 13.52
CA LEU A 214 -8.87 2.14 13.69
C LEU A 214 -10.05 3.06 13.36
N GLN A 215 -9.94 4.36 13.68
CA GLN A 215 -11.00 5.30 13.30
C GLN A 215 -11.09 5.39 11.77
N VAL A 216 -9.95 5.33 11.09
CA VAL A 216 -9.97 5.33 9.63
C VAL A 216 -10.66 4.06 9.09
N VAL A 217 -10.28 2.89 9.60
CA VAL A 217 -10.92 1.64 9.18
C VAL A 217 -12.43 1.68 9.43
N GLN A 218 -12.85 2.18 10.59
CA GLN A 218 -14.27 2.28 10.90
C GLN A 218 -15.00 3.21 9.94
N ALA A 219 -14.39 4.36 9.64
CA ALA A 219 -15.05 5.34 8.80
C ALA A 219 -15.20 4.85 7.36
N VAL A 220 -14.13 4.29 6.79
CA VAL A 220 -14.23 3.84 5.40
C VAL A 220 -15.11 2.59 5.30
N SER A 221 -15.10 1.73 6.32
CA SER A 221 -15.99 0.57 6.32
C SER A 221 -17.46 0.99 6.34
N ALA A 222 -17.78 2.01 7.13
CA ALA A 222 -19.15 2.51 7.16
C ALA A 222 -19.51 3.08 5.79
N ALA A 223 -18.56 3.78 5.17
CA ALA A 223 -18.84 4.49 3.93
C ALA A 223 -19.05 3.55 2.74
N ILE A 224 -18.22 2.51 2.62
CA ILE A 224 -18.25 1.70 1.39
C ILE A 224 -18.38 0.19 1.64
N GLY A 225 -18.39 -0.21 2.91
CA GLY A 225 -18.55 -1.61 3.27
C GLY A 225 -17.24 -2.26 3.69
N THR A 226 -17.30 -3.08 4.73
CA THR A 226 -16.13 -3.77 5.23
C THR A 226 -15.42 -4.59 4.16
N ASP A 227 -16.22 -5.20 3.29
CA ASP A 227 -15.70 -6.12 2.28
C ASP A 227 -14.97 -5.41 1.14
N ARG A 228 -15.00 -4.08 1.15
CA ARG A 228 -14.26 -3.29 0.16
C ARG A 228 -13.06 -2.56 0.79
N VAL A 229 -12.66 -2.97 1.99
CA VAL A 229 -11.60 -2.28 2.71
C VAL A 229 -10.46 -3.25 3.07
N GLY A 230 -9.25 -2.95 2.57
CA GLY A 230 -8.06 -3.66 3.01
C GLY A 230 -7.19 -2.73 3.83
N ILE A 231 -6.26 -3.28 4.60
CA ILE A 231 -5.38 -2.46 5.42
C ILE A 231 -3.96 -2.97 5.34
N ARG A 232 -3.01 -2.06 5.12
CA ARG A 232 -1.59 -2.42 4.98
C ARG A 232 -0.80 -1.87 6.17
N ILE A 233 -0.04 -2.74 6.83
CA ILE A 233 0.84 -2.31 7.92
C ILE A 233 2.23 -2.91 7.77
N SER A 234 3.18 -2.35 8.52
CA SER A 234 4.55 -2.86 8.53
C SER A 234 5.20 -2.66 9.89
N PRO A 235 4.76 -3.44 10.89
CA PRO A 235 5.29 -3.23 12.26
C PRO A 235 6.80 -3.41 12.37
N ALA A 236 7.40 -4.24 11.51
CA ALA A 236 8.81 -4.58 11.64
C ALA A 236 9.71 -3.86 10.62
N ILE A 237 9.15 -2.95 9.84
CA ILE A 237 9.95 -2.10 8.94
C ILE A 237 10.14 -0.72 9.58
N ASP A 238 11.39 -0.29 9.75
CA ASP A 238 11.64 0.99 10.43
C ASP A 238 12.18 2.09 9.52
N HIS A 239 11.72 2.05 8.27
CA HIS A 239 12.04 3.05 7.25
C HIS A 239 11.71 4.48 7.70
N THR A 240 12.61 5.41 7.40
CA THR A 240 12.53 6.82 7.82
C THR A 240 12.22 6.99 9.30
N ASP A 241 13.06 6.41 10.16
CA ASP A 241 12.96 6.55 11.60
C ASP A 241 11.59 6.17 12.12
N ALA A 242 11.06 5.05 11.66
CA ALA A 242 9.74 4.58 12.09
C ALA A 242 9.84 3.23 12.78
N MET A 243 10.41 3.24 13.98
CA MET A 243 10.67 2.00 14.71
C MET A 243 9.71 1.84 15.88
N ASP A 244 9.32 0.61 16.18
CA ASP A 244 8.61 0.31 17.42
C ASP A 244 9.46 -0.59 18.29
N SER A 245 9.36 -0.41 19.61
CA SER A 245 10.17 -1.18 20.54
C SER A 245 9.70 -2.63 20.63
N ASP A 246 8.48 -2.90 20.19
CA ASP A 246 7.93 -4.25 20.23
C ASP A 246 7.03 -4.52 19.03
N PRO A 247 7.64 -4.78 17.85
CA PRO A 247 6.86 -5.01 16.63
C PRO A 247 5.83 -6.14 16.76
N ARG A 248 6.20 -7.24 17.40
CA ARG A 248 5.28 -8.33 17.62
C ARG A 248 3.98 -7.86 18.28
N SER A 249 4.12 -7.15 19.40
CA SER A 249 2.95 -6.66 20.14
C SER A 249 2.17 -5.61 19.37
N LEU A 250 2.87 -4.77 18.62
CA LEU A 250 2.19 -3.76 17.82
C LEU A 250 1.31 -4.41 16.75
N GLY A 251 1.89 -5.34 15.99
CA GLY A 251 1.13 -6.06 14.99
C GLY A 251 -0.05 -6.78 15.58
N LEU A 252 0.14 -7.45 16.72
CA LEU A 252 -0.95 -8.17 17.36
C LEU A 252 -2.02 -7.22 17.92
N ALA A 253 -1.61 -6.02 18.33
CA ALA A 253 -2.56 -5.01 18.81
C ALA A 253 -3.47 -4.53 17.68
N VAL A 254 -2.89 -4.23 16.52
CA VAL A 254 -3.72 -3.87 15.37
C VAL A 254 -4.67 -5.01 15.01
N ILE A 255 -4.12 -6.23 14.96
CA ILE A 255 -4.89 -7.40 14.56
C ILE A 255 -6.04 -7.69 15.51
N GLU A 256 -5.79 -7.60 16.82
CA GLU A 256 -6.84 -7.81 17.81
C GLU A 256 -8.00 -6.84 17.59
N ARG A 257 -7.67 -5.58 17.30
CA ARG A 257 -8.69 -4.57 17.05
C ARG A 257 -9.44 -4.81 15.74
N LEU A 258 -8.74 -5.26 14.70
CA LEU A 258 -9.42 -5.61 13.46
C LEU A 258 -10.37 -6.79 13.69
N ASN A 259 -9.90 -7.80 14.42
CA ASN A 259 -10.73 -8.97 14.70
C ASN A 259 -12.00 -8.57 15.47
N LYS A 260 -11.82 -7.74 16.48
CA LYS A 260 -12.94 -7.28 17.30
C LYS A 260 -13.95 -6.47 16.47
N LEU A 261 -13.45 -5.62 15.58
CA LEU A 261 -14.32 -4.81 14.74
C LEU A 261 -15.13 -5.70 13.79
N GLN A 262 -14.47 -6.69 13.21
CA GLN A 262 -15.15 -7.64 12.32
C GLN A 262 -16.27 -8.38 13.06
N PHE A 263 -15.97 -8.82 14.28
CA PHE A 263 -16.96 -9.53 15.08
C PHE A 263 -18.14 -8.63 15.41
N LYS A 264 -17.85 -7.38 15.76
CA LYS A 264 -18.91 -6.43 16.11
C LYS A 264 -19.81 -6.11 14.91
N LEU A 265 -19.19 -5.79 13.78
CA LEU A 265 -19.92 -5.34 12.61
C LEU A 265 -20.62 -6.50 11.90
N GLY A 266 -20.09 -7.71 12.06
CA GLY A 266 -20.69 -8.90 11.49
C GLY A 266 -20.13 -9.35 10.15
N SER A 267 -18.96 -8.84 9.78
CA SER A 267 -18.34 -9.20 8.52
C SER A 267 -16.84 -8.96 8.54
N ARG A 268 -16.16 -9.58 7.58
CA ARG A 268 -14.71 -9.47 7.47
CA ARG A 268 -14.71 -9.47 7.47
C ARG A 268 -14.29 -8.31 6.57
N LEU A 269 -13.16 -7.69 6.91
CA LEU A 269 -12.52 -6.77 6.00
C LEU A 269 -12.07 -7.53 4.76
N ALA A 270 -11.72 -6.82 3.70
CA ALA A 270 -11.26 -7.50 2.49
C ALA A 270 -9.99 -8.30 2.79
N TYR A 271 -9.06 -7.71 3.54
CA TYR A 271 -7.80 -8.37 3.86
C TYR A 271 -6.95 -7.55 4.81
N LEU A 272 -5.97 -8.23 5.41
CA LEU A 272 -4.84 -7.59 6.05
C LEU A 272 -3.62 -7.85 5.18
N HIS A 273 -2.83 -6.80 4.94
CA HIS A 273 -1.66 -6.82 4.07
C HIS A 273 -0.47 -6.41 4.92
N VAL A 274 0.51 -7.30 5.08
CA VAL A 274 1.68 -6.97 5.88
C VAL A 274 2.92 -7.09 5.02
N THR A 275 3.75 -6.05 5.07
CA THR A 275 4.98 -6.06 4.31
C THR A 275 6.15 -6.20 5.30
N GLN A 276 7.10 -7.06 4.94
CA GLN A 276 8.19 -7.46 5.83
C GLN A 276 9.56 -7.03 5.32
N PRO A 277 10.51 -6.85 6.24
CA PRO A 277 11.91 -6.58 5.84
C PRO A 277 12.62 -7.86 5.38
N ARG A 278 13.68 -7.68 4.61
CA ARG A 278 14.55 -8.79 4.20
C ARG A 278 15.98 -8.47 4.59
N TYR A 279 16.85 -9.47 4.53
CA TYR A 279 18.23 -9.29 5.00
C TYR A 279 19.27 -9.76 3.99
N THR A 280 18.86 -9.90 2.74
CA THR A 280 19.80 -10.18 1.66
C THR A 280 20.32 -8.88 1.07
N ALA A 281 21.39 -8.97 0.29
CA ALA A 281 22.01 -7.80 -0.31
C ALA A 281 21.05 -7.07 -1.26
N ASP A 282 20.26 -7.81 -2.02
CA ASP A 282 19.39 -7.18 -3.01
C ASP A 282 17.95 -7.02 -2.52
N GLY A 283 17.67 -7.49 -1.31
CA GLY A 283 16.36 -7.33 -0.71
C GLY A 283 15.33 -8.34 -1.18
N HIS A 284 15.77 -9.35 -1.94
CA HIS A 284 14.91 -10.43 -2.37
C HIS A 284 15.30 -11.72 -1.66
N GLY A 285 14.32 -12.55 -1.33
CA GLY A 285 14.61 -13.89 -0.86
C GLY A 285 15.23 -13.96 0.51
N GLN A 286 15.82 -15.12 0.83
CA GLN A 286 16.40 -15.34 2.15
C GLN A 286 17.90 -15.65 2.03
N THR A 287 18.64 -15.34 3.09
CA THR A 287 20.08 -15.50 3.09
C THR A 287 20.49 -16.97 3.13
N GLU A 288 21.75 -17.24 2.80
CA GLU A 288 22.27 -18.60 2.77
C GLU A 288 22.49 -19.13 4.18
N GLU A 295 16.15 -13.36 8.28
CA GLU A 295 15.95 -13.72 9.68
C GLU A 295 14.72 -14.62 9.88
N GLU A 296 14.92 -15.71 10.61
CA GLU A 296 13.84 -16.61 10.99
C GLU A 296 12.89 -15.87 11.94
N GLU A 297 13.44 -14.88 12.64
CA GLU A 297 12.65 -14.04 13.53
C GLU A 297 11.47 -13.39 12.79
N VAL A 298 11.78 -12.75 11.67
CA VAL A 298 10.75 -12.09 10.86
C VAL A 298 9.77 -13.10 10.28
N ALA A 299 10.28 -14.24 9.81
CA ALA A 299 9.41 -15.29 9.28
C ALA A 299 8.42 -15.75 10.34
N GLN A 300 8.89 -15.96 11.57
CA GLN A 300 8.03 -16.39 12.67
C GLN A 300 6.98 -15.33 12.99
N LEU A 301 7.39 -14.07 12.98
CA LEU A 301 6.50 -12.95 13.22
C LEU A 301 5.35 -12.94 12.21
N MET A 302 5.68 -13.10 10.92
CA MET A 302 4.68 -13.08 9.87
C MET A 302 3.65 -14.21 10.01
N LYS A 303 4.11 -15.38 10.43
CA LYS A 303 3.21 -16.52 10.61
C LYS A 303 2.36 -16.35 11.87
N THR A 304 2.93 -15.74 12.90
CA THR A 304 2.20 -15.42 14.12
C THR A 304 1.06 -14.42 13.84
N TRP A 305 1.40 -13.35 13.14
CA TRP A 305 0.40 -12.36 12.76
C TRP A 305 -0.71 -12.97 11.90
N ARG A 306 -0.34 -13.75 10.89
CA ARG A 306 -1.36 -14.38 10.06
CA ARG A 306 -1.33 -14.40 10.03
C ARG A 306 -2.25 -15.31 10.87
N GLY A 307 -1.64 -16.10 11.75
CA GLY A 307 -2.41 -17.01 12.58
C GLY A 307 -3.41 -16.29 13.46
N ALA A 308 -3.04 -15.10 13.92
CA ALA A 308 -3.91 -14.31 14.80
C ALA A 308 -5.04 -13.60 14.05
N TYR A 309 -4.78 -13.18 12.82
CA TYR A 309 -5.78 -12.43 12.08
C TYR A 309 -6.86 -13.34 11.49
N VAL A 310 -8.12 -12.99 11.74
CA VAL A 310 -9.23 -13.74 11.18
C VAL A 310 -9.60 -13.17 9.80
N GLY A 311 -9.15 -13.84 8.75
CA GLY A 311 -9.48 -13.41 7.40
C GLY A 311 -8.33 -13.58 6.43
N THR A 312 -8.43 -12.88 5.30
CA THR A 312 -7.47 -12.96 4.21
C THR A 312 -6.17 -12.21 4.54
N PHE A 313 -5.05 -12.88 4.30
CA PHE A 313 -3.73 -12.32 4.61
C PHE A 313 -2.88 -12.24 3.35
N ILE A 314 -2.44 -11.02 3.04
CA ILE A 314 -1.52 -10.77 1.93
C ILE A 314 -0.14 -10.50 2.47
N CYS A 315 0.86 -11.25 2.00
CA CYS A 315 2.24 -10.97 2.38
C CYS A 315 2.96 -10.29 1.24
N CYS A 316 3.95 -9.48 1.61
CA CYS A 316 4.74 -8.74 0.64
C CYS A 316 6.10 -8.41 1.21
N GLY A 317 7.08 -8.30 0.33
CA GLY A 317 8.41 -7.88 0.72
C GLY A 317 9.45 -8.93 0.43
N GLY A 318 10.10 -8.80 -0.72
CA GLY A 318 11.19 -9.70 -1.08
C GLY A 318 10.77 -11.09 -1.52
N TYR A 319 9.48 -11.29 -1.77
CA TYR A 319 9.05 -12.62 -2.20
C TYR A 319 9.55 -12.95 -3.60
N THR A 320 10.03 -14.18 -3.74
CA THR A 320 10.49 -14.72 -5.00
C THR A 320 9.43 -15.67 -5.49
N ARG A 321 9.60 -16.23 -6.69
CA ARG A 321 8.69 -17.27 -7.15
C ARG A 321 8.62 -18.40 -6.13
N GLU A 322 9.78 -18.89 -5.69
CA GLU A 322 9.81 -20.03 -4.79
C GLU A 322 9.21 -19.70 -3.43
N LEU A 323 9.54 -18.52 -2.89
CA LEU A 323 9.00 -18.15 -1.58
C LEU A 323 7.50 -17.86 -1.65
N GLY A 324 7.01 -17.37 -2.79
CA GLY A 324 5.60 -17.15 -2.99
C GLY A 324 4.84 -18.47 -3.08
N LEU A 325 5.40 -19.42 -3.82
CA LEU A 325 4.83 -20.77 -3.88
C LEU A 325 4.71 -21.37 -2.50
N GLN A 326 5.78 -21.28 -1.72
CA GLN A 326 5.79 -21.89 -0.40
C GLN A 326 4.86 -21.18 0.58
N ALA A 327 4.78 -19.85 0.49
CA ALA A 327 3.89 -19.11 1.39
C ALA A 327 2.45 -19.59 1.27
N VAL A 328 1.96 -19.76 0.03
CA VAL A 328 0.60 -20.22 -0.15
C VAL A 328 0.46 -21.72 0.17
N ALA A 329 1.39 -22.54 -0.31
CA ALA A 329 1.31 -23.99 -0.12
C ALA A 329 1.36 -24.37 1.36
N GLN A 330 2.14 -23.63 2.14
CA GLN A 330 2.30 -23.93 3.57
C GLN A 330 1.23 -23.25 4.43
N GLY A 331 0.39 -22.43 3.82
CA GLY A 331 -0.67 -21.76 4.55
C GLY A 331 -0.24 -20.50 5.29
N ASP A 332 0.92 -19.94 4.94
CA ASP A 332 1.43 -18.74 5.60
C ASP A 332 0.73 -17.48 5.12
N ALA A 333 0.14 -17.53 3.94
CA ALA A 333 -0.54 -16.38 3.35
C ALA A 333 -1.56 -16.89 2.35
N ASP A 334 -2.57 -16.08 2.08
CA ASP A 334 -3.54 -16.42 1.05
C ASP A 334 -3.15 -15.83 -0.30
N LEU A 335 -2.52 -14.65 -0.25
CA LEU A 335 -2.17 -13.90 -1.45
C LEU A 335 -0.74 -13.40 -1.28
N VAL A 336 0.01 -13.32 -2.39
CA VAL A 336 1.38 -12.84 -2.34
C VAL A 336 1.55 -11.67 -3.29
N ALA A 337 1.95 -10.52 -2.75
CA ALA A 337 2.14 -9.33 -3.57
C ALA A 337 3.60 -9.18 -3.99
N PHE A 338 3.79 -8.66 -5.19
CA PHE A 338 5.12 -8.43 -5.75
C PHE A 338 5.21 -6.99 -6.20
N GLY A 339 6.29 -6.33 -5.81
CA GLY A 339 6.52 -4.95 -6.17
C GLY A 339 7.52 -4.79 -7.31
N ARG A 340 8.80 -4.81 -6.98
CA ARG A 340 9.83 -4.53 -7.97
C ARG A 340 9.76 -5.41 -9.21
N TYR A 341 9.51 -6.71 -9.05
CA TYR A 341 9.41 -7.59 -10.22
C TYR A 341 8.26 -7.17 -11.14
N PHE A 342 7.17 -6.65 -10.57
CA PHE A 342 6.06 -6.17 -11.40
C PHE A 342 6.37 -4.88 -12.14
N VAL A 343 7.30 -4.07 -11.63
CA VAL A 343 7.76 -2.90 -12.37
C VAL A 343 8.26 -3.33 -13.75
N SER A 344 9.11 -4.35 -13.78
CA SER A 344 9.81 -4.68 -15.01
C SER A 344 9.20 -5.85 -15.78
N ASN A 345 8.17 -6.47 -15.22
CA ASN A 345 7.53 -7.63 -15.83
C ASN A 345 6.03 -7.44 -15.91
N PRO A 346 5.55 -6.83 -16.99
CA PRO A 346 4.11 -6.54 -17.05
C PRO A 346 3.32 -7.85 -16.99
N ASP A 347 3.83 -8.90 -17.63
CA ASP A 347 3.20 -10.21 -17.59
C ASP A 347 3.81 -11.10 -16.50
N LEU A 348 3.99 -10.52 -15.31
CA LEU A 348 4.62 -11.28 -14.23
C LEU A 348 3.85 -12.55 -13.89
N VAL A 349 2.52 -12.51 -13.90
CA VAL A 349 1.74 -13.71 -13.56
C VAL A 349 2.07 -14.85 -14.52
N LEU A 350 2.04 -14.59 -15.82
CA LEU A 350 2.41 -15.61 -16.81
C LEU A 350 3.83 -16.09 -16.61
N ARG A 351 4.75 -15.18 -16.35
CA ARG A 351 6.14 -15.57 -16.18
C ARG A 351 6.30 -16.48 -14.97
N LEU A 352 5.57 -16.19 -13.89
CA LEU A 352 5.64 -17.07 -12.72
C LEU A 352 5.02 -18.43 -13.02
N LYS A 353 3.90 -18.46 -13.74
CA LYS A 353 3.28 -19.72 -14.12
C LYS A 353 4.21 -20.58 -15.00
N LEU A 354 5.01 -19.94 -15.84
CA LEU A 354 5.92 -20.68 -16.72
C LEU A 354 7.33 -20.85 -16.15
N ASN A 355 7.58 -20.29 -14.96
CA ASN A 355 8.94 -20.16 -14.43
C ASN A 355 9.88 -19.62 -15.51
N ALA A 356 9.44 -18.55 -16.17
CA ALA A 356 10.24 -17.85 -17.16
C ALA A 356 11.17 -16.85 -16.48
N PRO A 357 12.27 -16.48 -17.16
CA PRO A 357 13.14 -15.46 -16.57
C PRO A 357 12.42 -14.13 -16.38
N LEU A 358 12.85 -13.39 -15.37
CA LEU A 358 12.26 -12.09 -15.09
C LEU A 358 13.16 -10.98 -15.62
N ASN A 359 12.57 -9.98 -16.26
CA ASN A 359 13.32 -8.80 -16.67
C ASN A 359 13.92 -8.10 -15.45
N ARG A 360 15.16 -7.66 -15.59
CA ARG A 360 15.75 -6.80 -14.57
C ARG A 360 14.99 -5.48 -14.51
N TYR A 361 14.89 -4.91 -13.31
CA TYR A 361 14.25 -3.62 -13.14
C TYR A 361 15.30 -2.52 -12.95
N ASP A 362 14.97 -1.33 -13.46
CA ASP A 362 15.86 -0.18 -13.39
C ASP A 362 15.39 0.79 -12.32
N ARG A 363 16.04 0.76 -11.15
CA ARG A 363 15.70 1.68 -10.06
C ARG A 363 15.78 3.14 -10.48
N ALA A 364 16.61 3.46 -11.47
CA ALA A 364 16.77 4.86 -11.86
C ALA A 364 15.51 5.45 -12.49
N THR A 365 14.57 4.62 -12.95
CA THR A 365 13.32 5.14 -13.50
C THR A 365 12.10 4.69 -12.69
N PHE A 366 12.33 4.36 -11.41
CA PHE A 366 11.20 4.13 -10.51
C PHE A 366 10.32 5.38 -10.33
N TYR A 367 10.97 6.54 -10.18
CA TYR A 367 10.29 7.77 -9.74
C TYR A 367 10.47 8.93 -10.71
N THR A 368 10.97 8.65 -11.90
CA THR A 368 10.99 9.63 -12.98
C THR A 368 9.57 9.78 -13.54
N HIS A 369 9.36 10.67 -14.52
CA HIS A 369 7.99 11.07 -14.87
C HIS A 369 7.58 10.76 -16.30
N ASP A 370 8.43 10.08 -17.07
CA ASP A 370 8.08 9.80 -18.46
CA ASP A 370 8.09 9.78 -18.47
C ASP A 370 6.99 8.74 -18.56
N PRO A 371 6.01 8.95 -19.45
CA PRO A 371 4.89 8.02 -19.57
C PRO A 371 5.29 6.69 -20.19
N VAL A 372 6.38 6.68 -20.95
CA VAL A 372 6.86 5.47 -21.60
C VAL A 372 8.12 4.92 -20.95
N VAL A 373 9.17 5.74 -20.93
CA VAL A 373 10.51 5.26 -20.56
C VAL A 373 10.58 4.77 -19.11
N GLY A 374 10.87 3.48 -18.96
CA GLY A 374 10.98 2.87 -17.65
C GLY A 374 9.64 2.66 -16.96
N TYR A 375 8.54 2.80 -17.70
CA TYR A 375 7.21 2.74 -17.12
C TYR A 375 6.35 1.72 -17.88
N THR A 376 6.09 2.00 -19.14
CA THR A 376 5.25 1.10 -19.95
C THR A 376 6.03 0.40 -21.06
N ASP A 377 7.35 0.58 -21.09
CA ASP A 377 8.15 0.00 -22.19
C ASP A 377 8.96 -1.24 -21.80
N TYR A 378 8.71 -1.80 -20.62
CA TYR A 378 9.24 -3.13 -20.30
C TYR A 378 8.46 -4.18 -21.10
N PRO A 379 9.16 -5.11 -21.74
CA PRO A 379 8.45 -6.04 -22.63
C PRO A 379 7.79 -7.22 -21.92
N SER A 380 6.66 -7.64 -22.48
CA SER A 380 6.09 -8.94 -22.14
C SER A 380 6.81 -10.04 -22.92
N LEU A 381 6.62 -11.29 -22.49
CA LEU A 381 7.08 -12.41 -23.31
C LEU A 381 6.43 -12.31 -24.69
N ASP A 382 7.14 -12.79 -25.71
CA ASP A 382 6.62 -12.74 -27.07
C ASP A 382 5.46 -13.72 -27.24
N LYS A 383 4.26 -13.17 -27.44
CA LYS A 383 3.06 -14.00 -27.60
C LYS A 383 2.92 -14.56 -29.02
N GLY A 384 3.65 -13.96 -29.96
CA GLY A 384 3.56 -14.35 -31.35
C GLY A 384 2.23 -13.98 -31.95
N SER A 385 1.95 -14.54 -33.13
CA SER A 385 0.70 -14.27 -33.83
C SER A 385 -0.05 -15.58 -34.09
N LEU A 386 -1.21 -15.75 -33.47
CA LEU A 386 -1.95 -17.00 -33.56
C LEU A 386 -2.63 -17.18 -34.91
#